data_8A0P
#
_entry.id   8A0P
#
_cell.length_a   56.6
_cell.length_b   56.6
_cell.length_c   183.04
_cell.angle_alpha   90
_cell.angle_beta   90
_cell.angle_gamma   90
#
_symmetry.space_group_name_H-M   'P 41 21 2'
#
loop_
_entity.id
_entity.type
_entity.pdbx_description
1 polymer 'Glutathione transferase'
2 non-polymer 'CHLORIDE ION'
3 non-polymer 2-[2,4-bis(oxidanyl)phenyl]-3,5,7-tris(oxidanyl)chromen-4-one
4 water water
#
_entity_poly.entity_id   1
_entity_poly.type   'polypeptide(L)'
_entity_poly.pdbx_seq_one_letter_code
;MADVKLHGSWVSPFNYRVIWALKLKGVEFEHIVEDLTNKSELLLKYNPVYKKIPVLVHGGKPIAESLVILEYIEETWPEN
PLLPTDPYERAMARFWIQYGATKTAAFGALFRASGEELEKAAKEVVEVLRVLEEQGLGDKKFFGGDSINLVDISFGLFTC
WLEAIEEAAGVKVLEPSTLPRLHAWAQNFIEVPLIKENIPDYDKLLLHMKGVREKMMNK
;
_entity_poly.pdbx_strand_id   A
#
# COMPACT_ATOMS: atom_id res chain seq x y z
N ALA A 2 13.48 20.56 -6.23
CA ALA A 2 13.73 19.86 -4.97
C ALA A 2 14.82 18.78 -5.08
N ASP A 3 15.57 18.56 -3.97
CA ASP A 3 16.63 17.57 -3.74
C ASP A 3 16.08 16.11 -3.61
N VAL A 4 14.77 15.98 -3.48
CA VAL A 4 14.11 14.69 -3.42
C VAL A 4 13.13 14.65 -4.55
N LYS A 5 13.22 13.64 -5.40
CA LYS A 5 12.28 13.47 -6.50
C LYS A 5 11.61 12.11 -6.34
N LEU A 6 10.36 12.01 -6.72
CA LEU A 6 9.64 10.74 -6.70
C LEU A 6 9.07 10.46 -8.09
N HIS A 7 9.61 9.44 -8.75
CA HIS A 7 9.08 9.02 -10.04
C HIS A 7 7.89 8.17 -9.68
N GLY A 8 6.71 8.75 -9.85
CA GLY A 8 5.48 8.14 -9.41
C GLY A 8 4.34 7.97 -10.37
N SER A 9 3.15 8.03 -9.81
CA SER A 9 1.89 7.70 -10.44
C SER A 9 0.76 8.34 -9.65
N TRP A 10 -0.36 8.63 -10.33
CA TRP A 10 -1.52 9.14 -9.63
C TRP A 10 -2.45 8.02 -9.11
N VAL A 11 -2.12 6.72 -9.41
CA VAL A 11 -2.98 5.61 -9.00
C VAL A 11 -2.27 4.49 -8.21
N SER A 12 -0.97 4.24 -8.44
CA SER A 12 -0.31 3.11 -7.78
C SER A 12 -0.35 3.22 -6.26
N PRO A 13 -0.85 2.16 -5.55
CA PRO A 13 -0.79 2.18 -4.08
C PRO A 13 0.65 2.16 -3.56
N PHE A 14 1.56 1.54 -4.32
CA PHE A 14 2.97 1.45 -3.94
C PHE A 14 3.60 2.85 -3.96
N ASN A 15 3.23 3.68 -4.93
CA ASN A 15 3.72 5.06 -4.98
C ASN A 15 3.11 5.85 -3.80
N TYR A 16 1.80 5.65 -3.50
CA TYR A 16 1.19 6.37 -2.38
C TYR A 16 1.84 6.05 -1.03
N ARG A 17 2.38 4.81 -0.84
CA ARG A 17 3.10 4.50 0.41
C ARG A 17 4.25 5.53 0.62
N VAL A 18 4.97 5.86 -0.48
CA VAL A 18 6.11 6.78 -0.45
C VAL A 18 5.64 8.20 -0.21
N ILE A 19 4.56 8.62 -0.88
CA ILE A 19 3.98 9.96 -0.66
C ILE A 19 3.65 10.15 0.83
N TRP A 20 2.98 9.16 1.42
CA TRP A 20 2.60 9.23 2.83
C TRP A 20 3.82 9.34 3.75
N ALA A 21 4.84 8.51 3.50
CA ALA A 21 6.03 8.51 4.34
C ALA A 21 6.75 9.88 4.24
N LEU A 22 6.89 10.42 3.04
CA LEU A 22 7.57 11.71 2.85
C LEU A 22 6.77 12.83 3.54
N LYS A 23 5.44 12.80 3.41
CA LYS A 23 4.60 13.82 4.04
C LYS A 23 4.63 13.72 5.55
N LEU A 24 4.70 12.51 6.12
CA LEU A 24 4.82 12.29 7.55
C LEU A 24 6.17 12.80 8.09
N LYS A 25 7.21 12.79 7.26
CA LYS A 25 8.52 13.30 7.67
C LYS A 25 8.65 14.83 7.42
N GLY A 26 7.72 15.42 6.67
CA GLY A 26 7.76 16.82 6.28
C GLY A 26 8.82 17.09 5.22
N VAL A 27 9.11 16.08 4.38
CA VAL A 27 10.12 16.18 3.34
C VAL A 27 9.57 16.74 2.05
N GLU A 28 10.14 17.86 1.59
CA GLU A 28 9.71 18.47 0.33
C GLU A 28 10.18 17.59 -0.82
N PHE A 29 9.33 17.40 -1.84
CA PHE A 29 9.72 16.57 -2.99
C PHE A 29 9.00 16.95 -4.26
N GLU A 30 9.61 16.62 -5.40
CA GLU A 30 8.98 16.84 -6.69
C GLU A 30 8.38 15.52 -7.15
N HIS A 31 7.08 15.50 -7.45
CA HIS A 31 6.41 14.31 -7.93
C HIS A 31 6.42 14.29 -9.47
N ILE A 32 7.13 13.34 -10.07
CA ILE A 32 7.25 13.17 -11.53
C ILE A 32 6.41 11.98 -11.98
N VAL A 33 5.21 12.26 -12.46
CA VAL A 33 4.27 11.22 -12.87
C VAL A 33 4.69 10.58 -14.20
N GLU A 34 5.04 9.31 -14.14
CA GLU A 34 5.48 8.58 -15.32
C GLU A 34 4.32 8.03 -16.14
N ASP A 35 4.52 7.94 -17.47
CA ASP A 35 3.56 7.32 -18.38
C ASP A 35 4.14 5.93 -18.56
N LEU A 36 3.47 4.88 -18.05
CA LEU A 36 4.00 3.52 -18.13
C LEU A 36 4.02 2.94 -19.54
N THR A 37 3.28 3.53 -20.49
CA THR A 37 3.33 3.09 -21.89
C THR A 37 4.50 3.73 -22.67
N ASN A 38 5.26 4.66 -22.03
CA ASN A 38 6.41 5.36 -22.62
C ASN A 38 7.30 5.87 -21.48
N LYS A 39 8.05 4.97 -20.84
CA LYS A 39 8.92 5.31 -19.70
C LYS A 39 10.08 6.22 -20.07
N SER A 40 10.33 7.22 -19.21
CA SER A 40 11.39 8.19 -19.41
C SER A 40 12.80 7.58 -19.32
N GLU A 41 13.81 8.28 -19.88
CA GLU A 41 15.21 7.86 -19.82
C GLU A 41 15.65 7.76 -18.34
N LEU A 42 15.22 8.74 -17.51
CA LEU A 42 15.54 8.75 -16.10
C LEU A 42 15.01 7.51 -15.39
N LEU A 43 13.73 7.11 -15.63
CA LEU A 43 13.18 5.92 -14.99
C LEU A 43 13.98 4.65 -15.32
N LEU A 44 14.31 4.44 -16.60
CA LEU A 44 15.06 3.26 -17.02
C LEU A 44 16.50 3.26 -16.51
N LYS A 45 17.09 4.45 -16.35
CA LYS A 45 18.45 4.60 -15.84
C LYS A 45 18.47 4.34 -14.33
N TYR A 46 17.50 4.93 -13.60
CA TYR A 46 17.40 4.83 -12.15
C TYR A 46 16.95 3.46 -11.64
N ASN A 47 16.09 2.77 -12.41
CA ASN A 47 15.62 1.45 -12.00
C ASN A 47 15.80 0.44 -13.14
N PRO A 48 17.06 0.10 -13.49
CA PRO A 48 17.27 -0.86 -14.59
C PRO A 48 16.75 -2.27 -14.32
N VAL A 49 16.75 -2.72 -13.06
CA VAL A 49 16.33 -4.09 -12.74
C VAL A 49 14.83 -4.35 -12.94
N TYR A 50 13.94 -3.46 -12.44
CA TYR A 50 12.50 -3.67 -12.59
C TYR A 50 11.78 -2.72 -13.55
N LYS A 51 12.38 -1.55 -13.85
CA LYS A 51 11.79 -0.52 -14.73
C LYS A 51 10.39 -0.12 -14.26
N LYS A 52 10.20 -0.05 -12.94
CA LYS A 52 8.89 0.27 -12.39
C LYS A 52 8.94 1.49 -11.46
N ILE A 53 7.76 2.06 -11.18
CA ILE A 53 7.64 3.10 -10.18
C ILE A 53 7.08 2.40 -8.91
N PRO A 54 7.27 3.01 -7.72
CA PRO A 54 8.00 4.26 -7.46
C PRO A 54 9.51 4.13 -7.44
N VAL A 55 10.18 5.25 -7.69
CA VAL A 55 11.62 5.35 -7.54
C VAL A 55 11.87 6.66 -6.85
N LEU A 56 12.52 6.64 -5.69
CA LEU A 56 12.86 7.85 -4.98
C LEU A 56 14.26 8.25 -5.45
N VAL A 57 14.52 9.54 -5.67
CA VAL A 57 15.85 9.99 -6.07
C VAL A 57 16.25 11.06 -5.08
N HIS A 58 17.29 10.80 -4.29
CA HIS A 58 17.72 11.71 -3.24
C HIS A 58 19.18 12.06 -3.48
N GLY A 59 19.46 13.34 -3.70
CA GLY A 59 20.81 13.76 -4.05
C GLY A 59 21.30 13.12 -5.34
N GLY A 60 20.38 12.89 -6.26
CA GLY A 60 20.64 12.26 -7.55
C GLY A 60 20.81 10.75 -7.53
N LYS A 61 20.72 10.12 -6.33
CA LYS A 61 20.89 8.67 -6.15
C LYS A 61 19.54 7.97 -6.03
N PRO A 62 19.29 6.92 -6.83
CA PRO A 62 17.95 6.29 -6.81
C PRO A 62 17.76 5.13 -5.83
N ILE A 63 16.54 5.02 -5.32
CA ILE A 63 16.16 3.94 -4.44
C ILE A 63 14.87 3.41 -5.02
N ALA A 64 14.84 2.14 -5.47
CA ALA A 64 13.64 1.52 -6.03
C ALA A 64 13.05 0.52 -5.03
N GLU A 65 11.75 0.13 -5.24
CA GLU A 65 10.97 -0.81 -4.44
C GLU A 65 10.42 -0.09 -3.21
N SER A 66 9.09 0.05 -3.15
CA SER A 66 8.45 0.80 -2.05
C SER A 66 8.88 0.36 -0.64
N LEU A 67 9.04 -0.95 -0.40
CA LEU A 67 9.47 -1.36 0.95
C LEU A 67 10.92 -0.91 1.30
N VAL A 68 11.83 -0.94 0.31
CA VAL A 68 13.20 -0.46 0.50
C VAL A 68 13.17 1.07 0.68
N ILE A 69 12.36 1.76 -0.15
CA ILE A 69 12.24 3.23 -0.05
C ILE A 69 11.75 3.62 1.35
N LEU A 70 10.72 2.95 1.86
CA LEU A 70 10.19 3.27 3.20
C LEU A 70 11.25 3.15 4.30
N GLU A 71 12.07 2.08 4.30
CA GLU A 71 13.08 1.93 5.33
C GLU A 71 14.18 3.00 5.16
N TYR A 72 14.48 3.38 3.91
CA TYR A 72 15.47 4.44 3.60
C TYR A 72 14.98 5.78 4.15
N ILE A 73 13.69 6.08 3.97
CA ILE A 73 13.11 7.32 4.48
C ILE A 73 13.17 7.32 6.01
N GLU A 74 12.81 6.20 6.65
CA GLU A 74 12.83 6.09 8.11
C GLU A 74 14.26 6.28 8.66
N GLU A 75 15.26 5.75 7.95
CA GLU A 75 16.63 5.89 8.41
C GLU A 75 17.23 7.26 8.11
N THR A 76 16.82 7.87 7.02
CA THR A 76 17.39 9.15 6.57
C THR A 76 16.80 10.33 7.34
N TRP A 77 15.48 10.28 7.61
CA TRP A 77 14.79 11.32 8.38
C TRP A 77 14.23 10.64 9.63
N PRO A 78 15.05 10.48 10.67
CA PRO A 78 14.61 9.69 11.82
C PRO A 78 13.55 10.35 12.70
N GLU A 79 13.37 11.68 12.61
CA GLU A 79 12.34 12.35 13.42
C GLU A 79 10.94 11.89 12.99
N ASN A 80 9.94 11.94 13.89
CA ASN A 80 8.56 11.46 13.59
C ASN A 80 8.71 9.93 13.22
N PRO A 81 9.25 9.10 14.13
CA PRO A 81 9.53 7.70 13.75
C PRO A 81 8.32 6.92 13.28
N LEU A 82 8.55 6.11 12.26
CA LEU A 82 7.54 5.21 11.67
C LEU A 82 7.83 3.72 11.95
N LEU A 83 8.82 3.43 12.81
CA LEU A 83 9.09 2.09 13.29
C LEU A 83 9.42 2.20 14.78
N PRO A 84 9.13 1.16 15.56
CA PRO A 84 9.47 1.20 17.00
C PRO A 84 10.97 1.09 17.23
N THR A 85 11.44 1.37 18.46
CA THR A 85 12.87 1.29 18.75
C THR A 85 13.30 -0.10 19.18
N ASP A 86 12.42 -0.84 19.86
CA ASP A 86 12.75 -2.17 20.35
C ASP A 86 12.96 -3.18 19.21
N PRO A 87 14.10 -3.91 19.18
CA PRO A 87 14.32 -4.87 18.08
C PRO A 87 13.25 -5.94 17.87
N TYR A 88 12.66 -6.48 18.97
CA TYR A 88 11.62 -7.50 18.79
C TYR A 88 10.40 -6.85 18.13
N GLU A 89 10.00 -5.65 18.60
CA GLU A 89 8.87 -4.92 18.02
CA GLU A 89 8.85 -4.98 18.01
C GLU A 89 9.14 -4.57 16.56
N ARG A 90 10.41 -4.21 16.24
CA ARG A 90 10.76 -3.92 14.85
C ARG A 90 10.67 -5.18 13.99
N ALA A 91 11.08 -6.35 14.53
CA ALA A 91 11.00 -7.61 13.80
C ALA A 91 9.55 -7.98 13.55
N MET A 92 8.66 -7.73 14.52
CA MET A 92 7.24 -8.02 14.31
C MET A 92 6.67 -7.14 13.19
N ALA A 93 7.07 -5.86 13.16
CA ALA A 93 6.62 -4.95 12.10
C ALA A 93 7.11 -5.44 10.74
N ARG A 94 8.41 -5.84 10.63
CA ARG A 94 8.93 -6.33 9.36
C ARG A 94 8.26 -7.64 8.95
N PHE A 95 7.95 -8.50 9.93
CA PHE A 95 7.28 -9.77 9.70
C PHE A 95 5.91 -9.51 9.06
N TRP A 96 5.12 -8.58 9.61
CA TRP A 96 3.79 -8.31 9.04
C TRP A 96 3.86 -7.63 7.67
N ILE A 97 4.85 -6.76 7.48
CA ILE A 97 5.04 -6.13 6.17
C ILE A 97 5.38 -7.19 5.12
N GLN A 98 6.29 -8.12 5.46
CA GLN A 98 6.63 -9.19 4.52
C GLN A 98 5.45 -10.16 4.26
N TYR A 99 4.60 -10.38 5.27
CA TYR A 99 3.41 -11.22 5.13
C TYR A 99 2.46 -10.59 4.08
N GLY A 100 2.24 -9.28 4.19
CA GLY A 100 1.41 -8.56 3.22
C GLY A 100 2.00 -8.64 1.81
N ALA A 101 3.34 -8.51 1.69
CA ALA A 101 4.02 -8.57 0.40
C ALA A 101 3.92 -9.95 -0.26
N THR A 102 3.84 -11.01 0.53
CA THR A 102 3.76 -12.38 0.02
C THR A 102 2.37 -12.78 -0.48
N LYS A 103 1.32 -12.19 0.09
CA LYS A 103 -0.04 -12.55 -0.26
C LYS A 103 -0.64 -11.82 -1.48
N THR A 104 0.20 -11.26 -2.38
CA THR A 104 -0.26 -10.53 -3.57
C THR A 104 -1.01 -11.39 -4.58
N ALA A 105 -0.63 -12.67 -4.70
CA ALA A 105 -1.25 -13.62 -5.62
C ALA A 105 -2.70 -13.91 -5.25
N ALA A 106 -3.04 -13.86 -3.95
CA ALA A 106 -4.41 -14.09 -3.51
C ALA A 106 -5.34 -12.98 -4.01
N PHE A 107 -4.84 -11.73 -4.05
CA PHE A 107 -5.62 -10.59 -4.54
C PHE A 107 -5.74 -10.57 -6.07
N GLY A 108 -4.76 -11.15 -6.76
CA GLY A 108 -4.75 -11.24 -8.22
C GLY A 108 -5.91 -12.06 -8.73
N ALA A 109 -6.23 -13.15 -8.02
CA ALA A 109 -7.34 -14.04 -8.34
C ALA A 109 -8.68 -13.31 -8.37
N LEU A 110 -8.81 -12.15 -7.67
CA LEU A 110 -10.05 -11.39 -7.71
C LEU A 110 -10.34 -10.82 -9.11
N PHE A 111 -9.30 -10.61 -9.93
CA PHE A 111 -9.45 -10.10 -11.29
C PHE A 111 -9.22 -11.16 -12.38
N ARG A 112 -9.15 -12.45 -12.00
CA ARG A 112 -8.95 -13.56 -12.93
C ARG A 112 -10.02 -14.66 -12.82
N ALA A 113 -10.77 -14.68 -11.70
CA ALA A 113 -11.78 -15.71 -11.49
C ALA A 113 -13.22 -15.21 -11.72
N SER A 114 -14.17 -16.14 -11.94
CA SER A 114 -15.58 -15.82 -12.17
C SER A 114 -16.49 -16.79 -11.43
N GLY A 115 -17.67 -16.31 -11.04
CA GLY A 115 -18.70 -17.07 -10.34
C GLY A 115 -18.22 -17.95 -9.22
N GLU A 116 -18.52 -19.27 -9.29
CA GLU A 116 -18.10 -20.23 -8.28
C GLU A 116 -16.64 -20.62 -8.53
N GLU A 117 -15.75 -19.72 -8.13
CA GLU A 117 -14.30 -19.71 -8.21
C GLU A 117 -13.86 -18.33 -7.65
N LEU A 118 -14.56 -17.25 -8.05
CA LEU A 118 -14.37 -15.89 -7.57
C LEU A 118 -14.85 -15.79 -6.10
N GLU A 119 -15.92 -16.54 -5.73
CA GLU A 119 -16.39 -16.60 -4.35
C GLU A 119 -15.33 -17.23 -3.44
N LYS A 120 -14.63 -18.26 -3.96
CA LYS A 120 -13.57 -19.02 -3.31
C LYS A 120 -12.31 -18.14 -3.16
N ALA A 121 -11.99 -17.36 -4.20
CA ALA A 121 -10.84 -16.46 -4.18
C ALA A 121 -11.06 -15.35 -3.14
N ALA A 122 -12.29 -14.81 -3.06
CA ALA A 122 -12.64 -13.79 -2.09
C ALA A 122 -12.60 -14.35 -0.67
N LYS A 123 -13.04 -15.60 -0.48
CA LYS A 123 -12.99 -16.26 0.82
C LYS A 123 -11.54 -16.45 1.28
N GLU A 124 -10.64 -16.78 0.35
CA GLU A 124 -9.22 -16.95 0.64
C GLU A 124 -8.60 -15.60 1.05
N VAL A 125 -9.00 -14.51 0.38
CA VAL A 125 -8.52 -13.17 0.74
C VAL A 125 -9.02 -12.79 2.13
N VAL A 126 -10.29 -13.11 2.46
CA VAL A 126 -10.82 -12.82 3.80
C VAL A 126 -9.99 -13.55 4.86
N GLU A 127 -9.56 -14.80 4.59
CA GLU A 127 -8.76 -15.52 5.58
CA GLU A 127 -8.74 -15.55 5.55
C GLU A 127 -7.37 -14.90 5.74
N VAL A 128 -6.78 -14.39 4.65
CA VAL A 128 -5.48 -13.69 4.71
C VAL A 128 -5.63 -12.45 5.61
N LEU A 129 -6.70 -11.69 5.40
CA LEU A 129 -6.97 -10.50 6.18
C LEU A 129 -7.30 -10.81 7.63
N ARG A 130 -7.98 -11.96 7.89
CA ARG A 130 -8.32 -12.32 9.26
CA ARG A 130 -8.33 -12.35 9.25
C ARG A 130 -7.09 -12.62 10.08
N VAL A 131 -6.06 -13.25 9.47
CA VAL A 131 -4.80 -13.54 10.18
C VAL A 131 -4.14 -12.21 10.57
N LEU A 132 -4.12 -11.26 9.63
CA LEU A 132 -3.57 -9.94 9.84
C LEU A 132 -4.33 -9.22 10.94
N GLU A 133 -5.66 -9.31 10.92
CA GLU A 133 -6.49 -8.71 11.94
C GLU A 133 -6.23 -9.29 13.35
N GLU A 134 -6.30 -10.60 13.49
CA GLU A 134 -6.18 -11.27 14.77
C GLU A 134 -4.77 -11.23 15.36
N GLN A 135 -3.78 -11.58 14.55
CA GLN A 135 -2.40 -11.70 14.99
C GLN A 135 -1.55 -10.44 14.84
N GLY A 136 -1.94 -9.55 13.93
CA GLY A 136 -1.21 -8.31 13.66
C GLY A 136 -1.80 -7.08 14.31
N LEU A 137 -3.03 -6.71 13.94
CA LEU A 137 -3.68 -5.53 14.52
C LEU A 137 -4.12 -5.73 15.97
N GLY A 138 -4.83 -6.84 16.23
CA GLY A 138 -5.38 -7.09 17.57
C GLY A 138 -6.37 -5.99 17.95
N ASP A 139 -6.31 -5.52 19.18
CA ASP A 139 -7.20 -4.46 19.66
C ASP A 139 -6.64 -3.04 19.51
N LYS A 140 -5.50 -2.86 18.81
CA LYS A 140 -4.93 -1.51 18.64
C LYS A 140 -5.76 -0.69 17.64
N LYS A 141 -5.72 0.64 17.74
CA LYS A 141 -6.40 1.50 16.76
C LYS A 141 -5.70 1.33 15.39
N PHE A 142 -4.34 1.38 15.41
CA PHE A 142 -3.58 1.22 14.17
C PHE A 142 -2.51 0.14 14.36
N PHE A 143 -1.94 -0.38 13.26
CA PHE A 143 -0.82 -1.31 13.38
C PHE A 143 0.37 -0.66 14.17
N GLY A 144 0.49 0.67 14.10
CA GLY A 144 1.48 1.42 14.87
C GLY A 144 1.02 1.86 16.25
N GLY A 145 -0.13 1.37 16.71
CA GLY A 145 -0.67 1.71 18.02
C GLY A 145 -1.63 2.89 17.96
N ASP A 146 -1.25 4.01 18.61
CA ASP A 146 -2.08 5.22 18.63
C ASP A 146 -1.93 6.13 17.39
N SER A 147 -0.93 5.86 16.55
CA SER A 147 -0.75 6.60 15.31
C SER A 147 -0.18 5.65 14.23
N ILE A 148 -0.31 6.02 12.96
CA ILE A 148 0.12 5.15 11.87
C ILE A 148 1.63 4.97 11.81
N ASN A 149 2.07 3.80 11.36
CA ASN A 149 3.51 3.55 11.21
C ASN A 149 3.78 2.89 9.83
N LEU A 150 4.99 2.31 9.60
CA LEU A 150 5.26 1.70 8.29
C LEU A 150 4.34 0.52 8.01
N VAL A 151 3.88 -0.17 9.05
CA VAL A 151 2.97 -1.32 8.88
C VAL A 151 1.61 -0.83 8.37
N ASP A 152 1.03 0.23 9.01
CA ASP A 152 -0.23 0.81 8.48
C ASP A 152 -0.04 1.26 7.02
N ILE A 153 1.10 1.95 6.73
CA ILE A 153 1.38 2.42 5.38
C ILE A 153 1.43 1.25 4.40
N SER A 154 2.10 0.16 4.76
CA SER A 154 2.20 -1.02 3.90
C SER A 154 0.85 -1.70 3.66
N PHE A 155 -0.08 -1.53 4.57
CA PHE A 155 -1.42 -2.13 4.43
C PHE A 155 -2.47 -1.14 3.86
N GLY A 156 -2.07 0.11 3.58
CA GLY A 156 -2.99 1.12 3.06
C GLY A 156 -3.67 0.72 1.75
N LEU A 157 -3.03 -0.17 0.97
CA LEU A 157 -3.64 -0.66 -0.27
C LEU A 157 -4.93 -1.49 -0.02
N PHE A 158 -5.17 -1.92 1.22
CA PHE A 158 -6.40 -2.64 1.60
C PHE A 158 -7.56 -1.69 1.92
N THR A 159 -7.39 -0.36 1.69
CA THR A 159 -8.44 0.60 1.96
C THR A 159 -9.12 0.97 0.60
N CYS A 160 -8.91 2.19 0.02
CA CYS A 160 -9.65 2.57 -1.18
C CYS A 160 -9.29 1.74 -2.42
N TRP A 161 -8.05 1.21 -2.51
CA TRP A 161 -7.70 0.37 -3.65
C TRP A 161 -8.48 -0.96 -3.60
N LEU A 162 -8.57 -1.56 -2.43
CA LEU A 162 -9.32 -2.80 -2.27
C LEU A 162 -10.82 -2.54 -2.47
N GLU A 163 -11.34 -1.40 -2.00
CA GLU A 163 -12.74 -1.03 -2.21
C GLU A 163 -13.05 -0.96 -3.72
N ALA A 164 -12.12 -0.42 -4.50
CA ALA A 164 -12.26 -0.31 -5.96
C ALA A 164 -12.20 -1.69 -6.61
N ILE A 165 -11.29 -2.56 -6.16
CA ILE A 165 -11.18 -3.94 -6.67
C ILE A 165 -12.50 -4.69 -6.40
N GLU A 166 -13.10 -4.50 -5.21
CA GLU A 166 -14.35 -5.16 -4.84
C GLU A 166 -15.49 -4.71 -5.77
N GLU A 167 -15.58 -3.41 -6.04
CA GLU A 167 -16.62 -2.88 -6.89
C GLU A 167 -16.43 -3.30 -8.36
N ALA A 168 -15.18 -3.34 -8.84
CA ALA A 168 -14.90 -3.76 -10.22
C ALA A 168 -15.17 -5.27 -10.41
N ALA A 169 -14.81 -6.09 -9.42
CA ALA A 169 -15.00 -7.54 -9.52
C ALA A 169 -16.39 -8.03 -9.11
N GLY A 170 -17.15 -7.20 -8.42
CA GLY A 170 -18.49 -7.56 -7.97
C GLY A 170 -18.48 -8.54 -6.82
N VAL A 171 -17.46 -8.45 -5.94
CA VAL A 171 -17.39 -9.33 -4.78
C VAL A 171 -17.04 -8.55 -3.50
N LYS A 172 -17.45 -9.05 -2.34
CA LYS A 172 -17.16 -8.40 -1.07
C LYS A 172 -16.05 -9.15 -0.32
N VAL A 173 -15.12 -8.39 0.23
CA VAL A 173 -14.00 -8.93 0.96
C VAL A 173 -13.93 -8.30 2.37
N LEU A 174 -13.63 -7.01 2.48
CA LEU A 174 -13.47 -6.37 3.78
C LEU A 174 -14.78 -5.78 4.24
N GLU A 175 -15.53 -6.56 5.03
CA GLU A 175 -16.86 -6.18 5.56
C GLU A 175 -16.84 -6.12 7.08
N PRO A 176 -17.66 -5.26 7.68
CA PRO A 176 -17.68 -5.16 9.15
C PRO A 176 -18.16 -6.42 9.85
N SER A 177 -19.13 -7.16 9.24
CA SER A 177 -19.62 -8.39 9.85
C SER A 177 -18.57 -9.46 9.96
N THR A 178 -17.70 -9.58 8.96
CA THR A 178 -16.71 -10.64 8.91
C THR A 178 -15.36 -10.27 9.48
N LEU A 179 -14.95 -8.99 9.31
CA LEU A 179 -13.66 -8.53 9.85
C LEU A 179 -13.92 -7.23 10.63
N PRO A 180 -14.54 -7.30 11.84
CA PRO A 180 -14.93 -6.06 12.53
C PRO A 180 -13.79 -5.07 12.82
N ARG A 181 -12.69 -5.59 13.39
CA ARG A 181 -11.56 -4.73 13.75
C ARG A 181 -10.82 -4.21 12.53
N LEU A 182 -10.59 -5.05 11.51
CA LEU A 182 -9.89 -4.59 10.31
C LEU A 182 -10.73 -3.58 9.53
N HIS A 183 -12.08 -3.76 9.52
CA HIS A 183 -12.92 -2.79 8.83
C HIS A 183 -12.90 -1.45 9.57
N ALA A 184 -12.92 -1.46 10.90
CA ALA A 184 -12.86 -0.21 11.68
C ALA A 184 -11.47 0.44 11.46
N TRP A 185 -10.41 -0.37 11.36
CA TRP A 185 -9.06 0.14 11.06
C TRP A 185 -9.05 0.84 9.72
N ALA A 186 -9.60 0.20 8.67
CA ALA A 186 -9.61 0.76 7.34
C ALA A 186 -10.33 2.12 7.30
N GLN A 187 -11.44 2.23 8.05
CA GLN A 187 -12.15 3.51 8.17
C GLN A 187 -11.28 4.53 8.91
N ASN A 188 -10.67 4.15 10.03
CA ASN A 188 -9.83 5.05 10.79
C ASN A 188 -8.61 5.53 9.98
N PHE A 189 -8.00 4.62 9.21
CA PHE A 189 -6.81 4.96 8.41
C PHE A 189 -7.15 6.02 7.35
N ILE A 190 -8.25 5.79 6.61
CA ILE A 190 -8.73 6.70 5.57
C ILE A 190 -9.13 8.06 6.15
N GLU A 191 -9.51 8.12 7.42
CA GLU A 191 -9.90 9.39 8.06
C GLU A 191 -8.71 10.17 8.61
N VAL A 192 -7.51 9.54 8.73
CA VAL A 192 -6.31 10.30 9.19
C VAL A 192 -6.08 11.45 8.21
N PRO A 193 -6.03 12.72 8.67
CA PRO A 193 -5.93 13.84 7.71
C PRO A 193 -4.84 13.69 6.65
N LEU A 194 -3.65 13.22 7.05
CA LEU A 194 -2.56 12.99 6.09
C LEU A 194 -2.96 12.01 4.98
N ILE A 195 -3.73 10.95 5.34
CA ILE A 195 -4.17 9.99 4.32
C ILE A 195 -5.31 10.58 3.50
N LYS A 196 -6.30 11.16 4.17
CA LYS A 196 -7.48 11.76 3.52
C LYS A 196 -7.10 12.76 2.41
N GLU A 197 -6.08 13.60 2.68
CA GLU A 197 -5.59 14.63 1.75
C GLU A 197 -4.64 14.08 0.68
N ASN A 198 -4.26 12.78 0.76
CA ASN A 198 -3.32 12.18 -0.15
C ASN A 198 -3.76 10.77 -0.59
N ILE A 199 -4.91 10.69 -1.25
CA ILE A 199 -5.39 9.44 -1.84
C ILE A 199 -5.96 9.76 -3.22
N PRO A 200 -5.93 8.80 -4.16
CA PRO A 200 -6.51 9.07 -5.49
C PRO A 200 -8.01 9.33 -5.38
N ASP A 201 -8.58 10.08 -6.35
CA ASP A 201 -10.04 10.29 -6.39
C ASP A 201 -10.68 8.92 -6.64
N TYR A 202 -11.67 8.53 -5.84
CA TYR A 202 -12.26 7.18 -5.97
C TYR A 202 -12.81 6.86 -7.36
N ASP A 203 -13.54 7.79 -8.00
CA ASP A 203 -14.10 7.53 -9.33
C ASP A 203 -13.02 7.26 -10.37
N LYS A 204 -11.90 7.99 -10.30
CA LYS A 204 -10.79 7.78 -11.21
C LYS A 204 -10.12 6.44 -10.89
N LEU A 205 -9.96 6.11 -9.60
CA LEU A 205 -9.34 4.85 -9.21
C LEU A 205 -10.23 3.65 -9.64
N LEU A 206 -11.56 3.76 -9.49
CA LEU A 206 -12.48 2.69 -9.88
C LEU A 206 -12.38 2.45 -11.38
N LEU A 207 -12.31 3.53 -12.17
CA LEU A 207 -12.18 3.41 -13.62
C LEU A 207 -10.88 2.69 -13.98
N HIS A 208 -9.78 2.98 -13.24
CA HIS A 208 -8.49 2.33 -13.45
C HIS A 208 -8.59 0.82 -13.12
N MET A 209 -9.20 0.46 -11.98
CA MET A 209 -9.33 -0.95 -11.62
C MET A 209 -10.24 -1.71 -12.59
N LYS A 210 -11.26 -1.03 -13.14
CA LYS A 210 -12.13 -1.65 -14.15
C LYS A 210 -11.33 -2.01 -15.41
N GLY A 211 -10.38 -1.16 -15.78
CA GLY A 211 -9.51 -1.40 -16.92
C GLY A 211 -8.53 -2.53 -16.67
N VAL A 212 -7.96 -2.59 -15.46
CA VAL A 212 -7.01 -3.65 -15.09
C VAL A 212 -7.73 -5.01 -15.05
N ARG A 213 -8.99 -5.04 -14.57
CA ARG A 213 -9.77 -6.27 -14.55
C ARG A 213 -10.12 -6.73 -15.97
N GLU A 214 -10.42 -5.77 -16.86
CA GLU A 214 -10.72 -6.01 -18.26
C GLU A 214 -9.52 -6.65 -18.96
N LYS A 215 -8.30 -6.18 -18.66
CA LYS A 215 -7.07 -6.72 -19.23
C LYS A 215 -6.72 -8.09 -18.63
N MET A 216 -6.87 -8.25 -17.32
CA MET A 216 -6.62 -9.53 -16.65
C MET A 216 -7.71 -10.59 -16.95
N MET A 217 -8.84 -10.17 -17.55
CA MET A 217 -9.99 -10.99 -17.93
C MET A 217 -10.67 -11.65 -16.73
#